data_1T83
#
_entry.id   1T83
#
_cell.length_a   73.846
_cell.length_b   102.385
_cell.length_c   123.069
_cell.angle_alpha   90.00
_cell.angle_beta   90.00
_cell.angle_gamma   90.00
#
_symmetry.space_group_name_H-M   'P 21 21 21'
#
loop_
_entity.id
_entity.type
_entity.pdbx_description
1 polymer IGG1
2 polymer 'Low affinity immunoglobulin gamma Fc region receptor III-B'
3 branched beta-D-galactopyranose-(1-4)-2-acetamido-2-deoxy-alpha-D-glucopyranose-(1-2)-alpha-D-mannopyranose-(1-6)-[beta-D-mannopyranose-(1-3)]beta-D-mannopyranose-(1-4)-2-acetamido-2-deoxy-beta-D-glucopyranose-(1-4)-[beta-L-fucopyranose-(1-6)]2-acetamido-2-deoxy-beta-D-glucopyranose
4 branched 2-acetamido-2-deoxy-beta-D-glucopyranose-(1-2)-alpha-D-mannopyranose-(1-3)-[2-acetamido-2-deoxy-beta-D-glucopyranose-(1-2)-alpha-D-mannopyranose-(1-6)]beta-D-mannopyranose-(1-4)-2-acetamido-2-deoxy-alpha-D-glucopyranose-(1-4)-[beta-L-fucopyranose-(1-6)]2-acetamido-2-deoxy-beta-D-glucopyranose
5 non-polymer DIBROMOMERCURY
6 water water
#
loop_
_entity_poly.entity_id
_entity_poly.type
_entity_poly.pdbx_seq_one_letter_code
_entity_poly.pdbx_strand_id
1 'polypeptide(L)'
;HTCPPCPAPELLGGPSVFLFPPKPKDTLMISRTPEVTCVVVDVSHEDPEVKFNWYVDGVEVHNAKTKPREEQYNSTYRVV
SVLTVLHQDWLNGKEYKCKVSNKALPAPIEKTISKAKGQPREPQVYTLPPSREEMTKNQVSLTCLVKGFYPSDIAVEWES
NGQPENNYKTTPPVLDSDGSFFLYSKLTVDKSRWQQGNVFSCSVMHEALHNHYTQKSLSLSPGK
;
A,B
2 'polypeptide(L)'
;RTEDLPKAVVFLEPQWYSVLEKDSVTLKCQGAYSPEDNSTQWFHNESLISSQASSYFIDAATVNDSGEYRCQTNLSTLSD
PVQLEVHIGWLLLQAPRWVFKEEDPIHLRCHSWKNTALHKVTYLQNGKDRKYFHHNSDFHIPKATLKDSGSYFCRGLVGS
KNVSSETVNITITQGL
;
C
#
# COMPACT_ATOMS: atom_id res chain seq x y z
N LEU A 12 -14.21 13.16 -4.89
CA LEU A 12 -12.81 12.88 -5.31
C LEU A 12 -12.67 12.73 -6.83
N GLY A 13 -13.03 13.77 -7.57
CA GLY A 13 -12.93 13.73 -9.02
C GLY A 13 -11.69 14.49 -9.46
N GLY A 14 -11.62 14.88 -10.73
CA GLY A 14 -10.49 15.63 -11.23
C GLY A 14 -9.11 15.04 -10.95
N PRO A 15 -8.05 15.63 -11.52
CA PRO A 15 -6.69 15.14 -11.30
C PRO A 15 -6.25 15.32 -9.85
N SER A 16 -5.09 14.76 -9.52
CA SER A 16 -4.55 14.88 -8.16
C SER A 16 -3.29 15.71 -8.13
N VAL A 17 -2.92 16.17 -6.95
CA VAL A 17 -1.74 17.01 -6.76
C VAL A 17 -0.88 16.53 -5.60
N PHE A 18 0.43 16.52 -5.82
CA PHE A 18 1.36 16.08 -4.80
C PHE A 18 2.55 17.03 -4.62
N LEU A 19 2.59 17.69 -3.47
CA LEU A 19 3.65 18.64 -3.14
C LEU A 19 4.76 17.97 -2.32
N PHE A 20 5.95 17.90 -2.89
CA PHE A 20 7.06 17.27 -2.20
C PHE A 20 8.05 18.31 -1.71
N PRO A 21 8.69 18.04 -0.55
CA PRO A 21 9.69 18.96 0.03
C PRO A 21 11.07 18.85 -0.65
N PRO A 22 11.99 19.77 -0.32
CA PRO A 22 13.34 19.77 -0.89
C PRO A 22 14.12 18.62 -0.29
N LYS A 23 15.34 18.42 -0.77
CA LYS A 23 16.16 17.34 -0.23
C LYS A 23 16.94 17.85 0.98
N PRO A 24 17.07 17.01 2.01
CA PRO A 24 17.82 17.42 3.20
C PRO A 24 19.19 18.01 2.82
N LYS A 25 20.05 17.18 2.22
CA LYS A 25 21.38 17.65 1.81
C LYS A 25 21.29 18.99 1.07
N ASP A 26 20.34 19.09 0.15
CA ASP A 26 20.14 20.30 -0.64
C ASP A 26 19.75 21.51 0.20
N THR A 27 19.15 21.28 1.36
CA THR A 27 18.75 22.43 2.15
C THR A 27 19.80 22.74 3.19
N LEU A 28 20.74 21.82 3.37
CA LEU A 28 21.76 22.05 4.37
C LEU A 28 23.05 22.74 3.91
N MET A 29 23.34 22.73 2.61
CA MET A 29 24.57 23.37 2.12
C MET A 29 24.32 24.24 0.90
N ILE A 30 24.61 25.54 1.03
CA ILE A 30 24.40 26.56 -0.03
C ILE A 30 24.88 26.27 -1.44
N SER A 31 25.86 25.39 -1.57
CA SER A 31 26.38 25.01 -2.88
C SER A 31 25.33 24.15 -3.60
N ARG A 32 24.33 23.68 -2.87
CA ARG A 32 23.26 22.86 -3.42
C ARG A 32 21.98 23.65 -3.65
N THR A 33 21.18 23.22 -4.63
CA THR A 33 19.93 23.89 -4.96
C THR A 33 18.68 23.16 -4.44
N PRO A 34 18.03 23.72 -3.39
CA PRO A 34 16.83 23.17 -2.77
C PRO A 34 15.56 23.73 -3.42
N GLU A 35 14.64 22.83 -3.79
CA GLU A 35 13.39 23.26 -4.42
C GLU A 35 12.18 22.39 -4.03
N VAL A 36 11.02 23.01 -4.11
CA VAL A 36 9.77 22.36 -3.79
C VAL A 36 9.08 22.01 -5.09
N THR A 37 8.55 20.80 -5.16
CA THR A 37 7.88 20.37 -6.37
C THR A 37 6.41 20.07 -6.14
N CYS A 38 5.58 20.54 -7.08
CA CYS A 38 4.14 20.36 -7.05
C CYS A 38 3.81 19.53 -8.28
N VAL A 39 3.47 18.26 -8.07
CA VAL A 39 3.15 17.37 -9.17
C VAL A 39 1.65 17.17 -9.33
N VAL A 40 1.21 17.18 -10.59
CA VAL A 40 -0.20 17.01 -10.94
C VAL A 40 -0.39 15.87 -11.93
N VAL A 41 -1.09 14.83 -11.46
CA VAL A 41 -1.37 13.62 -12.23
C VAL A 41 -2.84 13.56 -12.63
N ASP A 42 -3.12 12.89 -13.75
CA ASP A 42 -4.49 12.75 -14.24
C ASP A 42 -4.98 13.97 -15.00
N VAL A 43 -4.20 14.45 -15.94
CA VAL A 43 -4.62 15.60 -16.72
C VAL A 43 -5.02 15.10 -18.12
N SER A 44 -6.33 15.21 -18.41
CA SER A 44 -6.93 14.77 -19.67
C SER A 44 -6.40 15.44 -20.92
N HIS A 45 -6.51 14.77 -22.06
CA HIS A 45 -6.05 15.32 -23.33
C HIS A 45 -7.05 16.35 -23.82
N GLU A 46 -8.22 16.34 -23.19
CA GLU A 46 -9.27 17.26 -23.54
C GLU A 46 -8.89 18.66 -23.07
N ASP A 47 -8.31 18.75 -21.88
CA ASP A 47 -7.89 20.03 -21.34
C ASP A 47 -6.47 19.97 -20.77
N PRO A 48 -5.50 19.55 -21.59
CA PRO A 48 -4.12 19.46 -21.12
C PRO A 48 -3.51 20.83 -20.84
N GLU A 49 -3.99 21.47 -19.79
CA GLU A 49 -3.50 22.79 -19.40
C GLU A 49 -3.71 22.98 -17.90
N VAL A 50 -2.65 23.43 -17.22
CA VAL A 50 -2.72 23.65 -15.77
C VAL A 50 -2.01 24.92 -15.32
N LYS A 51 -2.68 25.69 -14.45
CA LYS A 51 -2.11 26.92 -13.91
C LYS A 51 -1.79 26.77 -12.43
N PHE A 52 -0.54 26.98 -12.07
CA PHE A 52 -0.13 26.88 -10.67
C PHE A 52 -0.15 28.23 -9.99
N ASN A 53 -0.26 28.18 -8.67
CA ASN A 53 -0.25 29.38 -7.84
C ASN A 53 0.64 29.06 -6.65
N TRP A 54 1.80 29.71 -6.58
CA TRP A 54 2.74 29.49 -5.49
C TRP A 54 2.66 30.57 -4.43
N TYR A 55 2.35 30.18 -3.21
CA TYR A 55 2.24 31.11 -2.10
C TYR A 55 3.24 30.69 -1.03
N VAL A 56 3.84 31.68 -0.37
CA VAL A 56 4.82 31.40 0.68
C VAL A 56 4.51 32.18 1.95
N ASP A 57 4.15 31.46 3.00
CA ASP A 57 3.80 32.08 4.28
C ASP A 57 2.70 33.09 4.08
N GLY A 58 1.92 32.89 3.03
CA GLY A 58 0.84 33.80 2.73
C GLY A 58 1.21 34.57 1.49
N VAL A 59 2.36 35.23 1.52
CA VAL A 59 2.81 36.01 0.38
C VAL A 59 3.06 35.10 -0.84
N GLU A 60 2.35 35.40 -1.93
CA GLU A 60 2.47 34.64 -3.17
C GLU A 60 3.84 34.85 -3.81
N VAL A 61 4.31 33.85 -4.56
CA VAL A 61 5.61 33.91 -5.21
C VAL A 61 5.46 33.72 -6.72
N HIS A 62 6.52 33.98 -7.47
CA HIS A 62 6.44 33.83 -8.92
C HIS A 62 7.67 33.28 -9.63
N ASN A 63 8.57 32.64 -8.88
CA ASN A 63 9.80 32.06 -9.45
C ASN A 63 9.55 30.91 -10.41
N ALA A 64 8.58 30.07 -10.04
CA ALA A 64 8.13 28.87 -10.76
C ALA A 64 8.67 28.54 -12.16
N LYS A 65 8.67 27.25 -12.48
CA LYS A 65 9.11 26.75 -13.78
C LYS A 65 8.33 25.46 -14.06
N THR A 66 7.97 25.21 -15.33
CA THR A 66 7.20 24.01 -15.69
C THR A 66 7.34 23.51 -17.13
N LYS A 67 6.95 22.25 -17.34
CA LYS A 67 6.96 21.60 -18.65
C LYS A 67 6.18 20.30 -18.55
N PRO A 68 5.36 19.98 -19.58
CA PRO A 68 4.50 18.78 -19.68
C PRO A 68 5.13 17.46 -20.09
N ARG A 69 4.50 16.38 -19.62
CA ARG A 69 4.95 15.02 -19.92
C ARG A 69 3.81 14.04 -19.68
N GLU A 70 3.04 13.74 -20.74
CA GLU A 70 1.97 12.77 -20.61
C GLU A 70 2.64 11.52 -21.11
N GLU A 71 2.58 10.44 -20.34
CA GLU A 71 3.22 9.24 -20.81
C GLU A 71 2.92 8.00 -19.98
N GLN A 72 3.79 7.02 -20.17
CA GLN A 72 3.72 5.74 -19.51
C GLN A 72 2.41 5.04 -19.90
N TYR A 73 1.71 4.42 -18.97
CA TYR A 73 0.50 3.70 -19.34
C TYR A 73 -0.81 4.46 -19.12
N ASN A 74 -0.87 5.71 -19.54
CA ASN A 74 -2.11 6.45 -19.37
C ASN A 74 -2.37 7.43 -20.48
N SER A 75 -3.64 7.70 -20.67
CA SER A 75 -4.09 8.65 -21.65
C SER A 75 -4.14 9.92 -20.81
N THR A 76 -3.29 9.99 -19.81
CA THR A 76 -3.25 11.15 -18.93
C THR A 76 -1.98 11.95 -19.13
N TYR A 77 -2.04 13.19 -18.67
CA TYR A 77 -0.92 14.11 -18.75
C TYR A 77 -0.33 14.28 -17.35
N ARG A 78 0.94 14.62 -17.27
CA ARG A 78 1.57 14.85 -15.97
C ARG A 78 2.11 16.29 -15.92
N VAL A 79 1.93 16.94 -14.78
CA VAL A 79 2.38 18.32 -14.63
C VAL A 79 3.17 18.55 -13.35
N VAL A 80 4.30 19.22 -13.47
CA VAL A 80 5.13 19.51 -12.31
C VAL A 80 5.64 20.94 -12.32
N SER A 81 5.58 21.58 -11.15
CA SER A 81 6.04 22.95 -11.01
C SER A 81 7.15 23.02 -9.96
N VAL A 82 8.37 23.25 -10.44
CA VAL A 82 9.53 23.35 -9.56
C VAL A 82 9.68 24.76 -9.04
N LEU A 83 9.82 24.90 -7.73
CA LEU A 83 10.00 26.22 -7.13
C LEU A 83 11.26 26.26 -6.29
N THR A 84 12.38 26.65 -6.89
CA THR A 84 13.63 26.71 -6.15
C THR A 84 13.36 27.50 -4.88
N VAL A 85 14.03 27.14 -3.80
CA VAL A 85 13.80 27.83 -2.55
C VAL A 85 15.06 28.29 -1.83
N LEU A 86 14.93 29.37 -1.06
CA LEU A 86 16.04 29.91 -0.30
C LEU A 86 16.28 29.05 0.92
N HIS A 87 17.51 28.58 1.05
CA HIS A 87 17.88 27.73 2.15
C HIS A 87 17.27 28.11 3.50
N GLN A 88 17.81 29.15 4.12
CA GLN A 88 17.31 29.54 5.42
C GLN A 88 15.78 29.67 5.45
N ASP A 89 15.15 29.95 4.31
CA ASP A 89 13.68 30.05 4.24
C ASP A 89 13.04 28.83 4.88
N TRP A 90 13.11 27.73 4.14
CA TRP A 90 12.59 26.44 4.55
C TRP A 90 13.07 26.09 5.96
N LEU A 91 14.35 26.32 6.20
CA LEU A 91 14.99 26.02 7.48
C LEU A 91 14.35 26.65 8.72
N ASN A 92 13.56 27.69 8.50
CA ASN A 92 12.89 28.37 9.60
C ASN A 92 11.42 27.93 9.59
N GLY A 93 11.01 27.39 8.44
CA GLY A 93 9.64 26.94 8.28
C GLY A 93 8.90 27.95 7.43
N LYS A 94 8.34 27.49 6.31
CA LYS A 94 7.62 28.39 5.43
C LYS A 94 6.50 27.62 4.72
N GLU A 95 5.30 28.18 4.73
CA GLU A 95 4.17 27.53 4.06
C GLU A 95 4.43 27.70 2.57
N TYR A 96 4.48 26.59 1.84
CA TYR A 96 4.73 26.69 0.40
C TYR A 96 3.52 26.37 -0.44
N LYS A 97 2.35 26.64 0.14
CA LYS A 97 1.07 26.43 -0.51
C LYS A 97 1.20 26.44 -2.06
N CYS A 98 0.71 25.38 -2.69
CA CYS A 98 0.74 25.28 -4.15
C CYS A 98 -0.72 25.17 -4.58
N LYS A 99 -1.14 26.00 -5.54
CA LYS A 99 -2.52 25.98 -6.02
C LYS A 99 -2.55 25.59 -7.50
N VAL A 100 -3.01 24.37 -7.75
CA VAL A 100 -3.10 23.83 -9.09
C VAL A 100 -4.47 24.12 -9.67
N SER A 101 -4.49 24.63 -10.91
CA SER A 101 -5.73 24.98 -11.58
C SER A 101 -5.91 24.28 -12.93
N ASN A 102 -7.09 23.68 -13.09
CA ASN A 102 -7.47 22.97 -14.31
C ASN A 102 -8.99 22.90 -14.31
N LYS A 103 -9.60 23.23 -15.45
CA LYS A 103 -11.05 23.23 -15.58
C LYS A 103 -11.70 22.01 -14.94
N ALA A 104 -11.19 20.83 -15.25
CA ALA A 104 -11.72 19.59 -14.70
C ALA A 104 -11.88 19.70 -13.19
N LEU A 105 -11.20 20.68 -12.62
CA LEU A 105 -11.23 20.94 -11.19
C LEU A 105 -12.21 22.07 -10.89
N PRO A 106 -13.27 21.78 -10.12
CA PRO A 106 -14.25 22.81 -9.78
C PRO A 106 -13.52 24.09 -9.39
N ALA A 107 -12.77 23.99 -8.31
CA ALA A 107 -11.97 25.10 -7.82
C ALA A 107 -10.57 24.53 -7.68
N PRO A 108 -9.60 25.13 -8.39
CA PRO A 108 -8.20 24.65 -8.32
C PRO A 108 -7.81 24.13 -6.93
N ILE A 109 -6.93 23.13 -6.91
CA ILE A 109 -6.48 22.53 -5.65
C ILE A 109 -5.19 23.14 -5.13
N GLU A 110 -5.17 23.40 -3.82
CA GLU A 110 -4.01 23.99 -3.16
C GLU A 110 -3.53 23.10 -1.99
N LYS A 111 -2.22 22.88 -1.92
CA LYS A 111 -1.62 22.06 -0.87
C LYS A 111 -0.34 22.73 -0.38
N THR A 112 -0.16 22.80 0.93
CA THR A 112 1.01 23.44 1.50
C THR A 112 1.96 22.47 2.22
N ILE A 113 3.26 22.69 2.06
CA ILE A 113 4.26 21.85 2.69
C ILE A 113 5.27 22.75 3.42
N SER A 114 6.02 22.17 4.35
CA SER A 114 7.02 22.93 5.11
C SER A 114 7.84 22.10 6.08
N LYS A 115 8.95 22.67 6.52
CA LYS A 115 9.84 22.02 7.47
C LYS A 115 9.02 21.55 8.68
N ALA A 116 9.27 20.34 9.16
CA ALA A 116 8.55 19.84 10.32
C ALA A 116 8.73 20.85 11.46
N LYS A 117 7.62 21.21 12.11
CA LYS A 117 7.71 22.20 13.18
C LYS A 117 8.04 21.55 14.52
N GLY A 118 8.66 22.32 15.39
CA GLY A 118 9.05 21.83 16.70
C GLY A 118 10.28 22.60 17.13
N GLN A 119 11.04 22.09 18.08
CA GLN A 119 12.23 22.79 18.52
C GLN A 119 13.52 22.11 18.09
N PRO A 120 14.21 22.69 17.09
CA PRO A 120 15.46 22.16 16.54
C PRO A 120 16.53 21.73 17.55
N ARG A 121 16.77 20.42 17.63
CA ARG A 121 17.77 19.89 18.53
C ARG A 121 18.95 19.29 17.76
N GLU A 122 20.14 19.42 18.34
CA GLU A 122 21.37 18.94 17.72
C GLU A 122 21.70 17.50 18.06
N PRO A 123 22.11 16.74 17.03
CA PRO A 123 22.47 15.32 17.12
C PRO A 123 23.72 15.07 17.92
N GLN A 124 23.84 13.86 18.42
CA GLN A 124 25.01 13.40 19.14
C GLN A 124 25.51 12.26 18.24
N VAL A 125 26.80 12.27 17.92
CA VAL A 125 27.36 11.26 17.05
C VAL A 125 28.49 10.47 17.71
N TYR A 126 28.30 9.16 17.77
CA TYR A 126 29.28 8.27 18.38
C TYR A 126 29.52 7.09 17.43
N THR A 127 30.77 6.67 17.31
CA THR A 127 31.09 5.56 16.45
C THR A 127 31.40 4.37 17.34
N LEU A 128 30.88 3.21 16.97
CA LEU A 128 31.08 2.01 17.77
C LEU A 128 31.85 0.91 17.04
N PRO A 129 33.00 0.51 17.61
CA PRO A 129 33.84 -0.54 17.01
C PRO A 129 33.12 -1.89 17.03
N PRO A 130 33.47 -2.79 16.11
CA PRO A 130 32.86 -4.12 16.03
C PRO A 130 33.24 -5.00 17.22
N SER A 131 32.25 -5.44 17.98
CA SER A 131 32.49 -6.28 19.17
C SER A 131 33.21 -7.58 18.85
N ARG A 132 34.23 -7.89 19.64
CA ARG A 132 35.00 -9.11 19.43
C ARG A 132 34.20 -10.23 18.79
N GLU A 133 33.13 -10.66 19.46
CA GLU A 133 32.27 -11.73 18.97
C GLU A 133 32.16 -11.78 17.44
N GLU A 134 32.06 -10.62 16.80
CA GLU A 134 31.91 -10.58 15.34
C GLU A 134 33.21 -10.76 14.59
N MET A 135 34.30 -10.28 15.17
CA MET A 135 35.59 -10.41 14.49
C MET A 135 35.89 -11.84 14.06
N THR A 136 35.19 -12.81 14.61
CA THR A 136 35.41 -14.20 14.21
C THR A 136 34.98 -14.37 12.76
N LYS A 137 34.28 -13.39 12.22
CA LYS A 137 33.81 -13.47 10.84
C LYS A 137 34.70 -12.78 9.82
N ASN A 138 34.40 -13.06 8.56
CA ASN A 138 35.13 -12.52 7.42
C ASN A 138 34.97 -11.02 7.37
N GLN A 139 33.72 -10.57 7.26
CA GLN A 139 33.42 -9.15 7.22
C GLN A 139 32.96 -8.65 8.60
N VAL A 140 33.18 -7.37 8.87
CA VAL A 140 32.79 -6.82 10.16
C VAL A 140 31.94 -5.55 10.07
N SER A 141 31.15 -5.34 11.12
CA SER A 141 30.24 -4.21 11.19
C SER A 141 30.70 -3.05 12.03
N LEU A 142 30.62 -1.86 11.43
CA LEU A 142 31.00 -0.64 12.13
C LEU A 142 29.72 0.16 12.36
N THR A 143 29.48 0.55 13.61
CA THR A 143 28.28 1.29 13.97
C THR A 143 28.50 2.79 14.25
N CYS A 144 27.58 3.59 13.73
CA CYS A 144 27.60 5.04 13.92
C CYS A 144 26.23 5.33 14.52
N LEU A 145 26.22 5.83 15.75
CA LEU A 145 24.97 6.15 16.42
C LEU A 145 24.73 7.66 16.41
N VAL A 146 23.61 8.07 15.84
CA VAL A 146 23.27 9.47 15.77
C VAL A 146 21.98 9.63 16.54
N LYS A 147 22.10 10.05 17.79
CA LYS A 147 20.93 10.21 18.62
C LYS A 147 20.75 11.61 19.19
N GLY A 148 19.52 12.10 19.16
CA GLY A 148 19.22 13.41 19.72
C GLY A 148 18.84 14.54 18.76
N PHE A 149 18.38 14.21 17.56
CA PHE A 149 18.04 15.27 16.63
C PHE A 149 16.57 15.57 16.34
N TYR A 150 16.36 16.83 15.93
CA TYR A 150 15.06 17.32 15.55
C TYR A 150 15.26 18.45 14.56
N PRO A 151 14.68 18.32 13.38
CA PRO A 151 13.86 17.15 13.01
C PRO A 151 14.60 15.87 12.57
N SER A 152 13.81 14.90 12.11
CA SER A 152 14.31 13.60 11.65
C SER A 152 15.14 13.82 10.40
N ASP A 153 14.85 14.91 9.69
CA ASP A 153 15.58 15.28 8.49
C ASP A 153 17.07 15.27 8.81
N ILE A 154 17.80 14.37 8.16
CA ILE A 154 19.23 14.24 8.42
C ILE A 154 19.92 13.47 7.28
N ALA A 155 21.24 13.55 7.26
CA ALA A 155 22.04 12.85 6.25
C ALA A 155 23.13 12.17 7.05
N VAL A 156 23.48 10.96 6.64
CA VAL A 156 24.51 10.19 7.33
C VAL A 156 25.22 9.28 6.34
N GLU A 157 26.53 9.44 6.19
CA GLU A 157 27.29 8.63 5.26
C GLU A 157 28.65 8.20 5.80
N TRP A 158 29.32 7.28 5.10
CA TRP A 158 30.65 6.79 5.52
C TRP A 158 31.76 7.06 4.51
N GLU A 159 32.99 7.00 4.98
CA GLU A 159 34.18 7.22 4.16
C GLU A 159 35.37 6.59 4.89
N SER A 160 36.08 5.68 4.23
CA SER A 160 37.25 5.03 4.83
C SER A 160 38.40 5.94 4.54
N ASN A 161 38.23 6.69 3.46
CA ASN A 161 39.19 7.66 3.00
C ASN A 161 38.29 8.61 2.23
N GLY A 162 38.84 9.74 1.80
CA GLY A 162 38.04 10.72 1.06
C GLY A 162 36.92 10.07 0.28
N GLN A 163 37.23 8.87 -0.22
CA GLN A 163 36.27 8.10 -0.96
C GLN A 163 35.16 7.59 -0.07
N PRO A 164 33.91 7.75 -0.52
CA PRO A 164 32.76 7.29 0.23
C PRO A 164 32.76 5.76 0.23
N GLU A 165 31.98 5.16 1.13
CA GLU A 165 31.92 3.71 1.18
C GLU A 165 30.61 3.24 0.58
N ASN A 166 30.55 1.97 0.16
CA ASN A 166 29.33 1.45 -0.46
C ASN A 166 28.55 0.48 0.42
N ASN A 167 29.28 -0.34 1.17
CA ASN A 167 28.64 -1.33 2.01
C ASN A 167 28.15 -0.86 3.37
N TYR A 168 27.19 0.04 3.35
CA TYR A 168 26.60 0.51 4.61
C TYR A 168 25.10 0.74 4.46
N LYS A 169 24.37 0.49 5.55
CA LYS A 169 22.93 0.72 5.56
C LYS A 169 22.64 1.65 6.71
N THR A 170 21.46 2.25 6.65
CA THR A 170 21.05 3.15 7.70
C THR A 170 19.59 3.00 8.02
N THR A 171 19.30 2.71 9.28
CA THR A 171 17.93 2.55 9.74
C THR A 171 17.27 3.90 9.52
N PRO A 172 15.94 3.94 9.56
CA PRO A 172 15.24 5.21 9.37
C PRO A 172 15.35 5.97 10.68
N PRO A 173 15.02 7.26 10.69
CA PRO A 173 15.14 7.87 12.01
C PRO A 173 14.01 7.35 12.91
N VAL A 174 14.39 6.97 14.12
CA VAL A 174 13.43 6.45 15.09
C VAL A 174 13.24 7.47 16.22
N LEU A 175 11.99 7.73 16.58
CA LEU A 175 11.67 8.68 17.63
C LEU A 175 11.56 7.97 18.96
N ASP A 176 12.09 8.59 20.01
CA ASP A 176 12.00 7.92 21.29
C ASP A 176 11.56 8.80 22.45
N SER A 177 11.60 8.17 23.63
CA SER A 177 11.23 8.75 24.92
C SER A 177 11.55 10.21 24.92
N ASP A 178 12.83 10.50 25.04
CA ASP A 178 13.34 11.85 25.04
C ASP A 178 12.52 12.80 24.15
N GLY A 179 11.86 12.30 23.10
CA GLY A 179 11.07 13.17 22.24
C GLY A 179 11.79 13.61 20.96
N SER A 180 13.03 13.16 20.83
CA SER A 180 13.84 13.48 19.67
C SER A 180 13.89 12.28 18.72
N PHE A 181 14.93 12.27 17.89
CA PHE A 181 15.15 11.21 16.90
C PHE A 181 16.56 10.67 16.92
N PHE A 182 16.68 9.37 16.72
CA PHE A 182 17.98 8.75 16.65
C PHE A 182 17.90 7.71 15.55
N LEU A 183 19.06 7.26 15.10
CA LEU A 183 19.14 6.22 14.09
C LEU A 183 20.50 5.55 14.15
N TYR A 184 20.62 4.47 13.40
CA TYR A 184 21.87 3.73 13.33
C TYR A 184 22.32 3.55 11.88
N SER A 185 23.63 3.54 11.65
CA SER A 185 24.17 3.32 10.31
C SER A 185 25.22 2.24 10.41
N LYS A 186 25.02 1.15 9.68
CA LYS A 186 25.94 0.03 9.76
C LYS A 186 26.77 -0.10 8.51
N LEU A 187 28.08 0.10 8.66
CA LEU A 187 29.00 -0.03 7.54
C LEU A 187 29.71 -1.36 7.72
N THR A 188 29.77 -2.12 6.63
CA THR A 188 30.41 -3.43 6.63
C THR A 188 31.76 -3.39 5.91
N VAL A 189 32.78 -3.99 6.53
CA VAL A 189 34.12 -4.02 5.93
C VAL A 189 34.84 -5.34 6.21
N ASP A 190 35.55 -5.85 5.21
CA ASP A 190 36.29 -7.08 5.39
C ASP A 190 37.20 -6.90 6.58
N LYS A 191 37.10 -7.82 7.52
CA LYS A 191 37.91 -7.79 8.74
C LYS A 191 39.35 -7.34 8.50
N SER A 192 39.98 -7.91 7.48
CA SER A 192 41.37 -7.57 7.13
C SER A 192 41.58 -6.08 7.25
N ARG A 193 40.89 -5.32 6.38
CA ARG A 193 40.98 -3.87 6.40
C ARG A 193 40.91 -3.47 7.84
N TRP A 194 39.71 -3.55 8.41
CA TRP A 194 39.52 -3.20 9.80
C TRP A 194 40.75 -3.59 10.61
N GLN A 195 41.16 -4.84 10.49
CA GLN A 195 42.33 -5.34 11.22
C GLN A 195 43.59 -4.52 11.00
N GLN A 196 44.02 -4.40 9.75
CA GLN A 196 45.23 -3.65 9.44
C GLN A 196 45.37 -2.44 10.35
N GLY A 197 44.26 -1.71 10.51
CA GLY A 197 44.25 -0.53 11.36
C GLY A 197 43.80 0.69 10.57
N ASN A 198 42.95 0.48 9.58
CA ASN A 198 42.44 1.55 8.72
C ASN A 198 41.68 2.64 9.44
N VAL A 199 41.07 3.52 8.65
CA VAL A 199 40.32 4.65 9.15
C VAL A 199 38.98 4.79 8.42
N PHE A 200 37.92 5.00 9.19
CA PHE A 200 36.60 5.19 8.60
C PHE A 200 35.89 6.25 9.41
N SER A 201 35.00 6.99 8.76
CA SER A 201 34.25 8.06 9.41
C SER A 201 32.84 8.18 8.88
N CYS A 202 31.90 8.54 9.75
CA CYS A 202 30.54 8.76 9.30
C CYS A 202 30.30 10.25 9.43
N SER A 203 29.90 10.87 8.32
CA SER A 203 29.64 12.29 8.31
C SER A 203 28.18 12.42 8.65
N VAL A 204 27.80 13.57 9.19
CA VAL A 204 26.41 13.78 9.53
C VAL A 204 26.03 15.22 9.27
N MET A 205 24.97 15.39 8.50
CA MET A 205 24.48 16.72 8.15
C MET A 205 23.14 16.98 8.85
N HIS A 206 23.10 18.01 9.68
CA HIS A 206 21.86 18.32 10.35
C HIS A 206 21.74 19.81 10.48
N GLU A 207 20.52 20.29 10.65
CA GLU A 207 20.29 21.71 10.78
C GLU A 207 20.82 22.26 12.09
N ALA A 208 21.10 21.40 13.06
CA ALA A 208 21.59 21.86 14.36
C ALA A 208 23.05 21.54 14.60
N LEU A 209 23.81 21.41 13.53
CA LEU A 209 25.24 21.12 13.60
C LEU A 209 25.97 22.43 13.33
N HIS A 210 27.18 22.60 13.88
CA HIS A 210 27.83 23.87 13.65
C HIS A 210 27.64 24.36 12.24
N ASN A 211 28.23 23.65 11.28
CA ASN A 211 28.08 24.10 9.91
C ASN A 211 27.11 23.18 9.19
N HIS A 212 26.12 22.70 9.92
CA HIS A 212 25.12 21.79 9.37
C HIS A 212 25.86 20.49 9.05
N TYR A 213 26.98 20.25 9.73
CA TYR A 213 27.78 19.07 9.44
C TYR A 213 28.78 18.69 10.51
N THR A 214 29.07 17.40 10.55
CA THR A 214 30.05 16.85 11.47
C THR A 214 30.34 15.40 11.12
N GLN A 215 31.51 14.93 11.55
CA GLN A 215 31.89 13.56 11.28
C GLN A 215 32.78 13.02 12.39
N LYS A 216 32.55 11.76 12.74
CA LYS A 216 33.32 11.05 13.75
C LYS A 216 33.99 9.88 13.03
N SER A 217 35.19 9.50 13.47
CA SER A 217 35.90 8.41 12.81
C SER A 217 36.15 7.19 13.69
N LEU A 218 36.29 6.03 13.04
CA LEU A 218 36.53 4.76 13.71
C LEU A 218 37.89 4.22 13.34
N SER A 219 38.55 3.60 14.32
CA SER A 219 39.87 3.02 14.14
C SER A 219 40.10 1.93 15.18
N LEU A 220 41.31 1.41 15.26
CA LEU A 220 41.63 0.37 16.23
C LEU A 220 42.52 0.87 17.35
N SER A 221 42.62 0.04 18.39
CA SER A 221 43.42 0.33 19.58
C SER A 221 42.75 1.39 20.44
N PRO B 9 -17.79 10.60 5.12
CA PRO B 9 -17.51 10.85 3.69
C PRO B 9 -18.27 9.94 2.71
N GLU B 10 -17.78 9.83 1.48
CA GLU B 10 -18.43 9.02 0.44
C GLU B 10 -17.91 7.56 0.38
N LEU B 11 -18.73 6.66 0.91
CA LEU B 11 -18.41 5.24 0.99
C LEU B 11 -19.08 4.39 -0.07
N LEU B 12 -19.36 4.98 -1.23
CA LEU B 12 -20.00 4.24 -2.30
C LEU B 12 -19.27 2.93 -2.65
N GLY B 13 -18.11 2.71 -2.05
CA GLY B 13 -17.32 1.51 -2.31
C GLY B 13 -17.54 0.34 -1.38
N GLY B 14 -18.20 0.57 -0.26
CA GLY B 14 -18.47 -0.50 0.68
C GLY B 14 -17.33 -0.85 1.63
N PRO B 15 -17.54 -1.85 2.49
CA PRO B 15 -16.50 -2.26 3.44
C PRO B 15 -15.15 -2.56 2.81
N SER B 16 -14.13 -2.61 3.66
CA SER B 16 -12.75 -2.90 3.27
C SER B 16 -12.14 -3.75 4.37
N VAL B 17 -11.43 -4.80 3.98
CA VAL B 17 -10.84 -5.69 4.97
C VAL B 17 -9.32 -5.65 5.02
N PHE B 18 -8.79 -5.80 6.24
CA PHE B 18 -7.34 -5.81 6.47
C PHE B 18 -6.96 -6.97 7.40
N LEU B 19 -6.26 -7.96 6.87
CA LEU B 19 -5.85 -9.11 7.67
C LEU B 19 -4.49 -8.84 8.30
N PHE B 20 -4.25 -9.43 9.45
CA PHE B 20 -2.99 -9.22 10.15
C PHE B 20 -2.43 -10.53 10.69
N PRO B 21 -1.12 -10.67 10.63
CA PRO B 21 -0.48 -11.90 11.13
C PRO B 21 -0.31 -11.81 12.66
N PRO B 22 0.12 -12.92 13.30
CA PRO B 22 0.31 -12.91 14.75
C PRO B 22 1.56 -12.10 15.07
N LYS B 23 2.02 -12.14 16.31
CA LYS B 23 3.22 -11.42 16.69
C LYS B 23 4.34 -12.44 16.88
N PRO B 24 5.57 -12.04 16.57
CA PRO B 24 6.66 -13.00 16.74
C PRO B 24 6.66 -13.68 18.11
N LYS B 25 6.61 -12.87 19.17
CA LYS B 25 6.67 -13.42 20.52
C LYS B 25 5.62 -14.52 20.73
N ASP B 26 4.41 -14.34 20.20
CA ASP B 26 3.36 -15.35 20.35
C ASP B 26 3.70 -16.65 19.61
N THR B 27 3.89 -16.54 18.30
CA THR B 27 4.18 -17.68 17.45
C THR B 27 5.42 -18.45 17.86
N LEU B 28 6.32 -17.78 18.57
CA LEU B 28 7.56 -18.42 18.98
C LEU B 28 7.59 -19.15 20.32
N MET B 29 6.78 -18.70 21.26
CA MET B 29 6.74 -19.37 22.55
C MET B 29 5.40 -20.09 22.71
N ILE B 30 5.45 -21.40 22.93
CA ILE B 30 4.24 -22.23 23.06
C ILE B 30 3.29 -21.75 24.17
N SER B 31 3.84 -21.08 25.17
CA SER B 31 3.08 -20.56 26.30
C SER B 31 2.26 -19.34 25.90
N ARG B 32 2.42 -18.91 24.65
CA ARG B 32 1.67 -17.74 24.20
C ARG B 32 0.64 -18.12 23.15
N THR B 33 -0.29 -17.20 22.89
CA THR B 33 -1.39 -17.42 21.95
C THR B 33 -1.28 -16.61 20.66
N PRO B 34 -0.78 -17.26 19.59
CA PRO B 34 -0.63 -16.57 18.30
C PRO B 34 -2.04 -16.40 17.71
N GLU B 35 -2.38 -15.16 17.37
CA GLU B 35 -3.69 -14.87 16.83
C GLU B 35 -3.61 -14.09 15.53
N VAL B 36 -4.56 -14.36 14.63
CA VAL B 36 -4.68 -13.70 13.32
C VAL B 36 -5.99 -12.94 13.40
N THR B 37 -6.00 -11.70 12.88
CA THR B 37 -7.20 -10.88 12.96
C THR B 37 -7.61 -10.18 11.68
N CYS B 38 -8.87 -10.41 11.32
CA CYS B 38 -9.45 -9.86 10.12
C CYS B 38 -10.23 -8.60 10.51
N VAL B 39 -9.87 -7.48 9.88
CA VAL B 39 -10.50 -6.20 10.16
C VAL B 39 -11.33 -5.65 9.03
N VAL B 40 -12.59 -5.38 9.33
CA VAL B 40 -13.50 -4.83 8.35
C VAL B 40 -13.91 -3.42 8.77
N VAL B 41 -13.66 -2.45 7.90
CA VAL B 41 -14.01 -1.05 8.17
C VAL B 41 -14.87 -0.49 7.04
N ASP B 42 -15.58 0.62 7.31
CA ASP B 42 -16.48 1.25 6.34
C ASP B 42 -17.77 0.47 6.33
N VAL B 43 -17.91 -0.40 7.33
CA VAL B 43 -19.12 -1.19 7.45
C VAL B 43 -20.21 -0.16 7.69
N SER B 44 -21.21 -0.13 6.80
CA SER B 44 -22.31 0.83 6.88
C SER B 44 -23.20 0.68 8.12
N HIS B 45 -24.25 1.50 8.16
CA HIS B 45 -25.20 1.49 9.27
C HIS B 45 -26.49 0.92 8.74
N GLU B 46 -26.60 0.86 7.42
CA GLU B 46 -27.77 0.32 6.75
C GLU B 46 -27.49 -1.16 6.47
N ASP B 47 -26.24 -1.44 6.13
CA ASP B 47 -25.81 -2.80 5.86
C ASP B 47 -24.64 -3.08 6.80
N PRO B 48 -24.95 -3.17 8.12
CA PRO B 48 -24.03 -3.42 9.23
C PRO B 48 -23.65 -4.87 9.52
N GLU B 49 -24.63 -5.77 9.42
CA GLU B 49 -24.35 -7.17 9.68
C GLU B 49 -23.18 -7.59 8.82
N VAL B 50 -22.22 -8.31 9.42
CA VAL B 50 -21.06 -8.78 8.68
C VAL B 50 -20.81 -10.27 8.96
N LYS B 51 -20.42 -11.00 7.91
CA LYS B 51 -20.15 -12.42 8.04
C LYS B 51 -18.76 -12.78 7.63
N PHE B 52 -18.02 -13.39 8.54
CA PHE B 52 -16.65 -13.80 8.25
C PHE B 52 -16.67 -15.25 7.82
N ASN B 53 -15.53 -15.70 7.33
CA ASN B 53 -15.34 -17.08 6.87
C ASN B 53 -13.86 -17.31 6.94
N TRP B 54 -13.44 -18.28 7.74
CA TRP B 54 -12.02 -18.55 7.86
C TRP B 54 -11.64 -19.91 7.27
N TYR B 55 -10.43 -19.96 6.69
CA TYR B 55 -9.90 -21.17 6.09
C TYR B 55 -8.41 -21.21 6.33
N VAL B 56 -7.96 -22.37 6.78
CA VAL B 56 -6.54 -22.60 7.00
C VAL B 56 -6.25 -23.56 5.86
N ASP B 57 -5.31 -23.23 4.99
CA ASP B 57 -5.02 -24.11 3.87
C ASP B 57 -6.33 -24.67 3.29
N GLY B 58 -7.18 -23.78 2.78
CA GLY B 58 -8.43 -24.21 2.18
C GLY B 58 -9.53 -24.69 3.11
N VAL B 59 -9.19 -25.62 4.01
CA VAL B 59 -10.17 -26.17 4.95
C VAL B 59 -10.78 -25.06 5.80
N GLU B 60 -12.11 -25.03 5.88
CA GLU B 60 -12.75 -24.00 6.68
C GLU B 60 -12.67 -24.30 8.17
N VAL B 61 -12.28 -23.28 8.93
CA VAL B 61 -12.15 -23.36 10.38
C VAL B 61 -13.37 -22.65 10.94
N HIS B 62 -13.86 -23.15 12.08
CA HIS B 62 -15.04 -22.57 12.68
C HIS B 62 -14.80 -21.96 14.05
N ASN B 63 -13.55 -21.88 14.47
CA ASN B 63 -13.20 -21.35 15.78
C ASN B 63 -12.79 -19.88 15.88
N ALA B 64 -13.45 -19.01 15.10
CA ALA B 64 -13.13 -17.58 15.14
C ALA B 64 -14.09 -16.79 16.03
N LYS B 65 -13.67 -15.61 16.47
CA LYS B 65 -14.51 -14.76 17.32
C LYS B 65 -14.54 -13.30 16.85
N THR B 66 -15.65 -12.62 17.12
CA THR B 66 -15.84 -11.23 16.69
C THR B 66 -16.46 -10.27 17.73
N LYS B 67 -16.56 -8.99 17.37
CA LYS B 67 -17.14 -7.94 18.24
C LYS B 67 -17.15 -6.58 17.52
N PRO B 68 -18.30 -5.88 17.54
CA PRO B 68 -18.50 -4.58 16.89
C PRO B 68 -18.16 -3.31 17.68
N ARG B 69 -17.82 -2.26 16.93
CA ARG B 69 -17.48 -0.96 17.48
C ARG B 69 -17.67 0.11 16.39
N GLU B 70 -17.91 1.37 16.77
CA GLU B 70 -18.10 2.45 15.80
C GLU B 70 -17.15 3.61 16.00
N GLU B 71 -16.88 4.33 14.92
CA GLU B 71 -15.97 5.45 14.99
C GLU B 71 -16.54 6.83 14.65
N GLN B 72 -16.19 7.77 15.51
CA GLN B 72 -16.61 9.17 15.44
C GLN B 72 -16.37 9.90 14.12
N TYR B 73 -15.14 10.40 13.93
CA TYR B 73 -14.75 11.15 12.73
C TYR B 73 -15.41 10.76 11.42
N ASN B 74 -15.72 9.47 11.26
CA ASN B 74 -16.32 9.03 10.00
C ASN B 74 -17.66 8.33 10.12
N SER B 75 -18.12 8.12 11.35
CA SER B 75 -19.40 7.47 11.58
C SER B 75 -19.57 6.24 10.71
N THR B 76 -18.89 5.17 11.08
CA THR B 76 -18.96 3.89 10.39
C THR B 76 -18.71 2.84 11.43
N TYR B 77 -19.00 1.59 11.11
CA TYR B 77 -18.74 0.53 12.07
C TYR B 77 -17.39 -0.08 11.69
N ARG B 78 -16.74 -0.67 12.69
CA ARG B 78 -15.45 -1.36 12.53
C ARG B 78 -15.61 -2.74 13.17
N VAL B 79 -15.88 -3.73 12.34
CA VAL B 79 -16.07 -5.08 12.81
C VAL B 79 -14.73 -5.80 12.67
N VAL B 80 -14.40 -6.59 13.68
CA VAL B 80 -13.14 -7.31 13.70
C VAL B 80 -13.37 -8.75 14.06
N SER B 81 -12.52 -9.62 13.52
CA SER B 81 -12.62 -11.03 13.85
C SER B 81 -11.23 -11.54 14.23
N VAL B 82 -11.20 -12.42 15.23
CA VAL B 82 -9.93 -12.95 15.71
C VAL B 82 -9.91 -14.48 15.78
N LEU B 83 -9.03 -15.07 14.96
CA LEU B 83 -8.87 -16.52 14.88
C LEU B 83 -7.58 -16.94 15.54
N THR B 84 -7.64 -17.93 16.43
CA THR B 84 -6.43 -18.40 17.08
C THR B 84 -5.68 -19.36 16.16
N VAL B 85 -4.36 -19.25 16.19
CA VAL B 85 -3.48 -20.05 15.36
C VAL B 85 -2.56 -21.01 16.12
N LEU B 86 -2.31 -22.17 15.53
CA LEU B 86 -1.42 -23.12 16.17
C LEU B 86 0.01 -22.75 15.77
N HIS B 87 0.85 -22.56 16.77
CA HIS B 87 2.25 -22.19 16.57
C HIS B 87 2.84 -22.89 15.34
N GLN B 88 2.63 -24.19 15.24
CA GLN B 88 3.14 -24.94 14.11
C GLN B 88 2.56 -24.43 12.82
N ASP B 89 1.25 -24.61 12.67
CA ASP B 89 0.52 -24.19 11.48
C ASP B 89 0.99 -22.89 10.83
N TRP B 90 1.46 -21.95 11.65
CA TRP B 90 1.91 -20.68 11.11
C TRP B 90 3.31 -20.83 10.53
N LEU B 91 4.19 -21.42 11.34
CA LEU B 91 5.59 -21.64 10.99
C LEU B 91 5.84 -22.77 10.01
N ASN B 92 4.78 -23.31 9.43
CA ASN B 92 4.93 -24.39 8.47
C ASN B 92 4.38 -23.91 7.15
N GLY B 93 3.86 -22.68 7.16
CA GLY B 93 3.31 -22.09 5.95
C GLY B 93 1.80 -21.89 6.09
N LYS B 94 1.07 -23.00 6.06
CA LYS B 94 -0.40 -23.01 6.17
C LYS B 94 -1.00 -21.62 6.07
N GLU B 95 -1.38 -21.26 4.86
CA GLU B 95 -1.96 -19.96 4.57
C GLU B 95 -3.34 -19.80 5.22
N TYR B 96 -3.59 -18.61 5.76
CA TYR B 96 -4.85 -18.30 6.41
C TYR B 96 -5.67 -17.40 5.53
N LYS B 97 -6.92 -17.77 5.29
CA LYS B 97 -7.80 -16.98 4.43
C LYS B 97 -9.01 -16.42 5.16
N CYS B 98 -9.29 -15.14 4.93
CA CYS B 98 -10.43 -14.50 5.57
C CYS B 98 -11.42 -13.98 4.53
N LYS B 99 -12.61 -14.56 4.51
CA LYS B 99 -13.64 -14.12 3.57
C LYS B 99 -14.69 -13.29 4.30
N VAL B 100 -14.77 -12.01 3.94
CA VAL B 100 -15.75 -11.14 4.58
C VAL B 100 -16.93 -10.94 3.64
N SER B 101 -18.14 -11.15 4.16
CA SER B 101 -19.38 -11.01 3.39
C SER B 101 -20.27 -9.87 3.91
N ASN B 102 -20.70 -8.98 3.01
CA ASN B 102 -21.55 -7.86 3.39
C ASN B 102 -22.33 -7.24 2.22
N LYS B 103 -23.59 -6.92 2.49
CA LYS B 103 -24.53 -6.34 1.52
C LYS B 103 -23.93 -5.34 0.55
N ALA B 104 -23.17 -4.39 1.08
CA ALA B 104 -22.57 -3.37 0.24
C ALA B 104 -21.73 -3.89 -0.93
N LEU B 105 -21.31 -5.15 -0.88
CA LEU B 105 -20.47 -5.69 -1.94
C LEU B 105 -21.08 -6.62 -2.97
N PRO B 106 -20.57 -6.55 -4.20
CA PRO B 106 -21.07 -7.41 -5.28
C PRO B 106 -20.84 -8.86 -4.83
N ALA B 107 -19.70 -9.06 -4.20
CA ALA B 107 -19.32 -10.36 -3.71
C ALA B 107 -18.46 -10.15 -2.49
N PRO B 108 -18.21 -11.23 -1.73
CA PRO B 108 -17.38 -11.15 -0.51
C PRO B 108 -15.92 -10.86 -0.81
N ILE B 109 -15.21 -10.36 0.19
CA ILE B 109 -13.79 -10.09 0.04
C ILE B 109 -13.00 -11.21 0.67
N GLU B 110 -11.93 -11.61 -0.01
CA GLU B 110 -11.06 -12.65 0.49
C GLU B 110 -9.64 -12.12 0.66
N LYS B 111 -9.15 -12.16 1.87
CA LYS B 111 -7.78 -11.75 2.16
C LYS B 111 -7.11 -13.04 2.58
N THR B 112 -5.81 -13.12 2.42
CA THR B 112 -5.13 -14.33 2.82
C THR B 112 -3.77 -13.90 3.29
N ILE B 113 -3.25 -14.61 4.29
CA ILE B 113 -1.93 -14.28 4.81
C ILE B 113 -1.27 -15.55 5.30
N SER B 114 0.06 -15.54 5.31
CA SER B 114 0.82 -16.70 5.76
C SER B 114 2.25 -16.23 5.99
N LYS B 115 2.99 -17.00 6.79
CA LYS B 115 4.37 -16.61 7.05
C LYS B 115 5.19 -16.35 5.77
N ALA B 116 6.13 -15.42 5.87
CA ALA B 116 7.01 -15.07 4.78
C ALA B 116 7.78 -16.29 4.28
N LYS B 117 7.83 -16.47 2.96
CA LYS B 117 8.54 -17.61 2.38
C LYS B 117 10.05 -17.32 2.17
N GLY B 118 10.88 -18.37 2.21
CA GLY B 118 12.30 -18.16 2.02
C GLY B 118 13.15 -18.87 3.06
N GLN B 119 14.43 -19.08 2.77
CA GLN B 119 15.30 -19.78 3.71
C GLN B 119 15.49 -19.01 5.01
N PRO B 120 14.85 -19.48 6.11
CA PRO B 120 14.95 -18.85 7.42
C PRO B 120 16.41 -18.77 7.79
N ARG B 121 16.84 -17.59 8.25
CA ARG B 121 18.23 -17.40 8.63
C ARG B 121 18.46 -16.90 10.05
N GLU B 122 19.29 -17.66 10.77
CA GLU B 122 19.65 -17.43 12.17
C GLU B 122 20.30 -16.08 12.39
N PRO B 123 19.74 -15.29 13.31
CA PRO B 123 20.28 -13.96 13.59
C PRO B 123 21.56 -14.01 14.38
N GLN B 124 22.42 -13.06 14.08
CA GLN B 124 23.67 -12.94 14.78
C GLN B 124 23.46 -11.74 15.68
N VAL B 125 23.76 -11.91 16.95
CA VAL B 125 23.57 -10.84 17.93
C VAL B 125 24.88 -10.37 18.48
N TYR B 126 25.04 -9.05 18.50
CA TYR B 126 26.25 -8.42 19.00
C TYR B 126 25.89 -7.26 19.94
N THR B 127 26.46 -7.27 21.14
CA THR B 127 26.22 -6.20 22.10
C THR B 127 27.32 -5.15 21.90
N LEU B 128 26.98 -3.89 22.11
CA LEU B 128 27.95 -2.83 21.90
C LEU B 128 27.89 -1.80 23.03
N PRO B 129 28.95 -1.76 23.87
CA PRO B 129 29.05 -0.83 25.00
C PRO B 129 29.00 0.63 24.59
N PRO B 130 28.51 1.51 25.48
CA PRO B 130 28.44 2.94 25.12
C PRO B 130 29.74 3.42 24.48
N SER B 131 29.66 4.44 23.64
CA SER B 131 30.86 4.97 23.00
C SER B 131 31.59 5.90 23.93
N ARG B 132 32.88 5.65 24.10
CA ARG B 132 33.77 6.42 24.95
C ARG B 132 33.32 7.88 25.13
N GLU B 133 33.09 8.60 24.05
CA GLU B 133 32.68 9.99 24.16
C GLU B 133 31.29 10.16 24.73
N GLU B 134 30.63 9.08 25.11
CA GLU B 134 29.28 9.20 25.64
C GLU B 134 29.25 9.32 27.15
N MET B 135 30.43 9.34 27.77
CA MET B 135 30.53 9.46 29.23
C MET B 135 30.16 10.86 29.70
N THR B 136 30.51 11.86 28.90
CA THR B 136 30.21 13.26 29.19
C THR B 136 28.77 13.37 29.63
N LYS B 137 27.97 12.37 29.23
CA LYS B 137 26.56 12.36 29.55
C LYS B 137 26.22 11.69 30.90
N ASN B 138 25.05 12.02 31.43
CA ASN B 138 24.55 11.47 32.70
C ASN B 138 24.03 10.07 32.42
N GLN B 139 23.57 9.87 31.19
CA GLN B 139 23.06 8.58 30.74
C GLN B 139 23.78 8.22 29.44
N VAL B 140 24.08 6.94 29.27
CA VAL B 140 24.78 6.48 28.08
C VAL B 140 23.98 5.40 27.40
N SER B 141 24.30 5.16 26.12
CA SER B 141 23.57 4.16 25.36
C SER B 141 24.23 2.80 25.22
N LEU B 142 23.40 1.77 25.41
CA LEU B 142 23.83 0.37 25.29
C LEU B 142 23.21 -0.15 24.00
N THR B 143 24.02 -0.75 23.13
CA THR B 143 23.52 -1.21 21.84
C THR B 143 23.50 -2.70 21.55
N CYS B 144 22.40 -3.15 20.99
CA CYS B 144 22.25 -4.55 20.65
C CYS B 144 22.12 -4.53 19.13
N LEU B 145 22.89 -5.39 18.48
CA LEU B 145 22.84 -5.46 17.03
C LEU B 145 22.44 -6.87 16.64
N VAL B 146 21.38 -6.98 15.85
CA VAL B 146 20.95 -8.30 15.42
C VAL B 146 20.90 -8.23 13.92
N LYS B 147 21.74 -9.04 13.28
CA LYS B 147 21.83 -9.08 11.81
C LYS B 147 21.78 -10.48 11.22
N GLY B 148 21.59 -10.51 9.89
CA GLY B 148 21.55 -11.75 9.13
C GLY B 148 20.40 -12.70 9.38
N PHE B 149 19.23 -12.15 9.69
CA PHE B 149 18.09 -13.03 9.97
C PHE B 149 16.99 -12.89 8.95
N TYR B 150 16.32 -14.01 8.71
CA TYR B 150 15.21 -14.08 7.81
C TYR B 150 14.35 -15.18 8.40
N PRO B 151 13.02 -14.99 8.48
CA PRO B 151 12.27 -13.79 8.07
C PRO B 151 12.63 -12.56 8.87
N SER B 152 11.90 -11.47 8.65
CA SER B 152 12.13 -10.20 9.35
C SER B 152 11.46 -10.18 10.72
N ASP B 153 10.47 -11.08 10.89
CA ASP B 153 9.77 -11.19 12.15
C ASP B 153 10.81 -11.51 13.19
N ILE B 154 10.75 -10.80 14.30
CA ILE B 154 11.73 -11.04 15.34
C ILE B 154 11.30 -10.26 16.59
N ALA B 155 11.85 -10.63 17.74
CA ALA B 155 11.53 -9.93 18.99
C ALA B 155 12.84 -9.66 19.69
N VAL B 156 13.03 -8.41 20.12
CA VAL B 156 14.23 -7.99 20.83
C VAL B 156 13.87 -7.14 22.06
N GLU B 157 14.22 -7.66 23.24
CA GLU B 157 13.96 -6.99 24.51
C GLU B 157 15.25 -6.82 25.35
N TRP B 158 15.17 -6.05 26.43
CA TRP B 158 16.32 -5.81 27.31
C TRP B 158 16.04 -6.18 28.79
N GLU B 159 17.06 -6.65 29.50
CA GLU B 159 16.91 -7.04 30.90
C GLU B 159 18.06 -6.54 31.76
N SER B 160 17.76 -6.19 33.02
CA SER B 160 18.78 -5.69 33.95
C SER B 160 19.30 -6.82 34.83
N ASN B 161 18.66 -7.00 35.97
CA ASN B 161 19.07 -8.06 36.89
C ASN B 161 18.47 -9.35 36.33
N GLY B 162 17.15 -9.42 36.36
CA GLY B 162 16.46 -10.58 35.84
C GLY B 162 15.13 -10.02 35.39
N GLN B 163 15.08 -8.69 35.37
CA GLN B 163 13.87 -7.99 35.03
C GLN B 163 14.03 -6.93 33.94
N PRO B 164 12.91 -6.64 33.24
CA PRO B 164 12.76 -5.68 32.15
C PRO B 164 13.52 -4.38 32.27
N GLU B 165 13.86 -3.83 31.11
CA GLU B 165 14.56 -2.58 31.02
C GLU B 165 13.68 -1.69 30.19
N ASN B 166 12.77 -1.01 30.87
CA ASN B 166 11.83 -0.09 30.27
C ASN B 166 12.42 0.72 29.12
N ASN B 167 13.34 1.62 29.47
CA ASN B 167 13.98 2.55 28.54
C ASN B 167 14.85 2.02 27.37
N TYR B 168 14.20 1.53 26.32
CA TYR B 168 14.93 1.07 25.16
C TYR B 168 14.04 1.16 23.96
N LYS B 169 14.64 1.45 22.81
CA LYS B 169 13.89 1.55 21.56
C LYS B 169 14.53 0.65 20.53
N THR B 170 13.75 0.25 19.54
CA THR B 170 14.30 -0.61 18.52
C THR B 170 13.95 -0.18 17.11
N THR B 171 14.99 -0.02 16.29
CA THR B 171 14.82 0.39 14.92
C THR B 171 14.03 -0.75 14.28
N PRO B 172 13.26 -0.46 13.22
CA PRO B 172 12.49 -1.51 12.54
C PRO B 172 13.51 -2.39 11.85
N PRO B 173 13.08 -3.49 11.22
CA PRO B 173 14.15 -4.26 10.57
C PRO B 173 14.59 -3.47 9.32
N VAL B 174 15.73 -3.83 8.77
CA VAL B 174 16.23 -3.12 7.59
C VAL B 174 16.86 -4.15 6.64
N LEU B 175 16.36 -4.18 5.42
CA LEU B 175 16.84 -5.12 4.42
C LEU B 175 18.33 -4.92 4.13
N ASP B 176 19.13 -5.93 4.39
CA ASP B 176 20.57 -5.81 4.14
C ASP B 176 20.93 -6.18 2.71
N SER B 177 22.22 -6.02 2.41
CA SER B 177 22.74 -6.34 1.10
C SER B 177 22.52 -7.80 0.74
N ASP B 178 23.04 -8.70 1.58
CA ASP B 178 22.91 -10.13 1.33
C ASP B 178 21.47 -10.63 1.43
N GLY B 179 20.52 -9.72 1.23
CA GLY B 179 19.11 -10.05 1.26
C GLY B 179 18.53 -10.49 2.59
N SER B 180 19.21 -10.14 3.69
CA SER B 180 18.78 -10.49 5.04
C SER B 180 18.34 -9.27 5.83
N PHE B 181 18.11 -9.47 7.12
CA PHE B 181 17.68 -8.38 7.95
C PHE B 181 18.53 -8.12 9.15
N PHE B 182 18.60 -6.83 9.49
CA PHE B 182 19.36 -6.44 10.65
C PHE B 182 18.59 -5.31 11.31
N LEU B 183 18.98 -5.00 12.53
CA LEU B 183 18.35 -3.91 13.26
C LEU B 183 19.15 -3.66 14.52
N TYR B 184 18.87 -2.53 15.14
CA TYR B 184 19.52 -2.15 16.38
C TYR B 184 18.50 -1.87 17.48
N SER B 185 18.92 -2.10 18.73
CA SER B 185 18.06 -1.84 19.87
C SER B 185 18.88 -1.02 20.85
N LYS B 186 18.47 0.23 21.08
CA LYS B 186 19.21 1.08 22.00
C LYS B 186 18.60 1.15 23.41
N LEU B 187 19.41 0.83 24.40
CA LEU B 187 18.97 0.87 25.79
C LEU B 187 19.70 2.01 26.46
N THR B 188 18.93 2.98 26.91
CA THR B 188 19.46 4.14 27.58
C THR B 188 19.52 3.88 29.07
N VAL B 189 20.71 4.04 29.65
CA VAL B 189 20.86 3.82 31.07
C VAL B 189 21.69 4.92 31.74
N ASP B 190 21.58 4.98 33.05
CA ASP B 190 22.28 5.98 33.86
C ASP B 190 23.76 5.66 33.97
N LYS B 191 24.57 6.58 33.47
CA LYS B 191 26.03 6.49 33.48
C LYS B 191 26.49 5.72 34.72
N SER B 192 25.96 6.12 35.87
CA SER B 192 26.27 5.50 37.16
C SER B 192 26.20 3.97 37.10
N ARG B 193 25.01 3.44 36.79
CA ARG B 193 24.77 2.00 36.70
C ARG B 193 25.76 1.30 35.78
N TRP B 194 26.02 1.89 34.63
CA TRP B 194 26.97 1.28 33.71
C TRP B 194 28.30 1.13 34.43
N GLN B 195 28.90 2.27 34.79
CA GLN B 195 30.18 2.29 35.49
C GLN B 195 30.17 1.37 36.72
N GLN B 196 29.03 1.32 37.41
CA GLN B 196 28.88 0.47 38.59
C GLN B 196 29.07 -0.98 38.19
N GLY B 197 29.10 -1.20 36.88
CA GLY B 197 29.31 -2.54 36.35
C GLY B 197 28.12 -3.49 36.41
N ASN B 198 26.91 -2.95 36.41
CA ASN B 198 25.73 -3.80 36.43
C ASN B 198 25.81 -4.79 35.26
N VAL B 199 24.76 -5.57 35.07
CA VAL B 199 24.72 -6.52 33.98
C VAL B 199 23.45 -6.35 33.16
N PHE B 200 23.62 -6.18 31.86
CA PHE B 200 22.49 -6.02 30.95
C PHE B 200 22.53 -7.09 29.88
N SER B 201 21.45 -7.20 29.14
CA SER B 201 21.38 -8.26 28.14
C SER B 201 20.18 -8.13 27.21
N CYS B 202 20.37 -8.30 25.91
CA CYS B 202 19.21 -8.25 25.02
C CYS B 202 18.83 -9.66 24.63
N SER B 203 17.54 -9.95 24.71
CA SER B 203 17.01 -11.25 24.39
C SER B 203 16.43 -11.14 23.00
N VAL B 204 16.73 -12.12 22.17
CA VAL B 204 16.24 -12.11 20.80
C VAL B 204 15.48 -13.40 20.51
N MET B 205 14.21 -13.26 20.15
CA MET B 205 13.40 -14.43 19.84
C MET B 205 13.13 -14.37 18.35
N HIS B 206 13.62 -15.38 17.64
CA HIS B 206 13.43 -15.46 16.20
C HIS B 206 13.11 -16.88 15.77
N GLU B 207 12.35 -16.98 14.70
CA GLU B 207 11.92 -18.26 14.17
C GLU B 207 13.07 -19.25 13.90
N ALA B 208 14.30 -18.78 13.86
CA ALA B 208 15.40 -19.67 13.53
C ALA B 208 16.53 -19.88 14.54
N LEU B 209 16.21 -19.93 15.83
CA LEU B 209 17.25 -20.16 16.81
C LEU B 209 16.96 -21.53 17.48
N HIS B 210 17.94 -22.08 18.18
CA HIS B 210 17.76 -23.42 18.77
C HIS B 210 16.88 -23.60 19.98
N ASN B 211 15.84 -22.79 20.05
CA ASN B 211 14.86 -22.86 21.11
C ASN B 211 14.16 -21.56 20.98
N HIS B 212 14.07 -21.12 19.73
CA HIS B 212 13.42 -19.89 19.33
C HIS B 212 13.91 -18.72 20.16
N TYR B 213 15.06 -18.84 20.81
CA TYR B 213 15.50 -17.74 21.65
C TYR B 213 16.94 -17.77 22.15
N THR B 214 17.62 -16.65 21.99
CA THR B 214 18.97 -16.53 22.46
C THR B 214 19.16 -15.18 23.16
N GLN B 215 20.21 -15.10 23.97
CA GLN B 215 20.48 -13.91 24.77
C GLN B 215 21.96 -13.59 24.93
N LYS B 216 22.34 -12.34 24.67
CA LYS B 216 23.73 -11.92 24.80
C LYS B 216 23.82 -10.77 25.79
N SER B 217 24.69 -10.93 26.80
CA SER B 217 24.82 -9.90 27.83
C SER B 217 25.95 -8.91 27.56
N LEU B 218 25.93 -7.80 28.30
CA LEU B 218 26.91 -6.77 28.07
C LEU B 218 27.14 -5.86 29.28
N SER B 219 28.42 -5.66 29.63
CA SER B 219 28.85 -4.80 30.75
C SER B 219 30.35 -4.49 30.61
N LEU B 220 30.90 -3.76 31.58
CA LEU B 220 32.32 -3.37 31.57
C LEU B 220 33.33 -4.49 31.86
N LEU C 5 -45.37 -21.13 -40.88
CA LEU C 5 -45.54 -19.90 -40.05
C LEU C 5 -44.24 -19.16 -39.73
N PRO C 6 -44.36 -17.88 -39.32
CA PRO C 6 -43.20 -17.04 -38.97
C PRO C 6 -42.53 -17.42 -37.66
N LYS C 7 -41.21 -17.36 -37.66
CA LYS C 7 -40.40 -17.67 -36.49
C LYS C 7 -40.33 -16.39 -35.66
N ALA C 8 -40.77 -16.47 -34.42
CA ALA C 8 -40.76 -15.31 -33.54
C ALA C 8 -39.33 -14.89 -33.25
N VAL C 9 -39.15 -13.81 -32.48
CA VAL C 9 -37.82 -13.34 -32.09
C VAL C 9 -37.83 -12.66 -30.73
N VAL C 10 -36.75 -12.88 -29.97
CA VAL C 10 -36.62 -12.27 -28.65
C VAL C 10 -35.62 -11.13 -28.78
N PHE C 11 -35.97 -9.97 -28.23
CA PHE C 11 -35.09 -8.82 -28.25
C PHE C 11 -34.81 -8.43 -26.81
N LEU C 12 -33.60 -7.90 -26.58
CA LEU C 12 -33.20 -7.48 -25.27
C LEU C 12 -33.31 -5.97 -25.07
N GLU C 13 -33.85 -5.58 -23.93
CA GLU C 13 -34.05 -4.19 -23.58
C GLU C 13 -33.30 -3.92 -22.27
N PRO C 14 -32.07 -3.38 -22.33
CA PRO C 14 -31.26 -2.96 -23.48
C PRO C 14 -30.47 -4.03 -24.25
N GLN C 15 -29.84 -3.60 -25.34
CA GLN C 15 -29.05 -4.46 -26.23
C GLN C 15 -27.96 -5.28 -25.53
N TRP C 16 -27.81 -5.08 -24.24
CA TRP C 16 -26.78 -5.78 -23.48
C TRP C 16 -27.21 -7.20 -23.10
N TYR C 17 -26.55 -8.18 -23.70
CA TYR C 17 -26.88 -9.56 -23.35
C TYR C 17 -25.93 -10.05 -22.27
N SER C 18 -25.09 -9.14 -21.77
CA SER C 18 -24.12 -9.42 -20.72
C SER C 18 -24.22 -8.33 -19.64
N VAL C 19 -24.78 -8.67 -18.48
CA VAL C 19 -24.95 -7.68 -17.40
C VAL C 19 -24.43 -8.12 -16.03
N LEU C 20 -24.60 -7.26 -15.03
CA LEU C 20 -24.16 -7.55 -13.68
C LEU C 20 -25.37 -7.90 -12.81
N GLU C 21 -25.12 -8.33 -11.57
CA GLU C 21 -26.18 -8.77 -10.69
C GLU C 21 -27.15 -7.79 -10.03
N LYS C 22 -27.71 -6.88 -10.79
CA LYS C 22 -28.68 -5.96 -10.27
C LYS C 22 -29.41 -5.42 -11.46
N ASP C 23 -28.73 -5.54 -12.59
CA ASP C 23 -29.23 -5.11 -13.86
C ASP C 23 -30.63 -5.65 -14.12
N SER C 24 -31.54 -4.74 -14.48
CA SER C 24 -32.92 -5.09 -14.82
C SER C 24 -32.83 -5.46 -16.30
N VAL C 25 -33.47 -6.55 -16.69
CA VAL C 25 -33.41 -6.96 -18.09
C VAL C 25 -34.83 -7.21 -18.57
N THR C 26 -35.15 -6.78 -19.79
CA THR C 26 -36.46 -7.01 -20.37
C THR C 26 -36.33 -7.71 -21.70
N LEU C 27 -37.12 -8.75 -21.89
CA LEU C 27 -37.08 -9.53 -23.12
C LEU C 27 -38.39 -9.36 -23.85
N LYS C 28 -38.41 -8.49 -24.86
CA LYS C 28 -39.62 -8.28 -25.62
C LYS C 28 -39.69 -9.34 -26.70
N CYS C 29 -40.86 -9.93 -26.83
CA CYS C 29 -41.13 -10.98 -27.81
C CYS C 29 -41.83 -10.39 -29.03
N GLN C 30 -41.30 -10.68 -30.21
CA GLN C 30 -41.86 -10.16 -31.45
C GLN C 30 -42.45 -11.27 -32.31
N GLY C 31 -43.75 -11.18 -32.57
CA GLY C 31 -44.44 -12.18 -33.38
C GLY C 31 -45.89 -11.82 -33.57
N ALA C 32 -46.68 -12.74 -34.11
CA ALA C 32 -48.10 -12.49 -34.37
C ALA C 32 -49.05 -13.24 -33.43
N TYR C 33 -50.09 -12.54 -32.97
CA TYR C 33 -51.09 -13.13 -32.06
C TYR C 33 -52.40 -13.39 -32.80
N SER C 34 -53.09 -14.46 -32.40
CA SER C 34 -54.36 -14.84 -33.02
C SER C 34 -55.52 -13.96 -32.56
N PRO C 35 -56.72 -14.19 -33.09
CA PRO C 35 -57.91 -13.41 -32.70
C PRO C 35 -58.15 -13.30 -31.19
N GLU C 36 -58.75 -14.33 -30.59
CA GLU C 36 -59.03 -14.32 -29.16
C GLU C 36 -57.86 -14.92 -28.37
N ASP C 37 -56.66 -14.41 -28.63
CA ASP C 37 -55.46 -14.90 -27.96
C ASP C 37 -54.27 -13.93 -28.06
N ASN C 38 -53.93 -13.32 -26.94
CA ASN C 38 -52.83 -12.37 -26.85
C ASN C 38 -51.82 -12.87 -25.82
N SER C 39 -51.45 -14.14 -25.94
CA SER C 39 -50.52 -14.73 -24.98
C SER C 39 -49.16 -15.08 -25.58
N THR C 40 -48.17 -15.22 -24.69
CA THR C 40 -46.80 -15.55 -25.06
C THR C 40 -46.24 -16.71 -24.21
N GLN C 41 -45.42 -17.54 -24.84
CA GLN C 41 -44.78 -18.65 -24.14
C GLN C 41 -43.30 -18.35 -23.98
N TRP C 42 -42.84 -18.35 -22.73
CA TRP C 42 -41.45 -18.05 -22.42
C TRP C 42 -40.65 -19.28 -21.99
N PHE C 43 -39.43 -19.38 -22.52
CA PHE C 43 -38.54 -20.51 -22.21
C PHE C 43 -37.18 -20.09 -21.71
N HIS C 44 -36.75 -20.71 -20.62
CA HIS C 44 -35.43 -20.44 -20.05
C HIS C 44 -34.69 -21.77 -20.00
N ASN C 45 -34.19 -22.21 -21.15
CA ASN C 45 -33.47 -23.48 -21.25
C ASN C 45 -34.40 -24.64 -20.90
N GLU C 46 -35.27 -25.06 -21.80
CA GLU C 46 -36.16 -26.19 -21.50
C GLU C 46 -37.31 -25.81 -20.58
N SER C 47 -36.95 -25.21 -19.45
CA SER C 47 -37.90 -24.78 -18.43
C SER C 47 -38.89 -23.77 -19.01
N LEU C 48 -40.13 -23.84 -18.56
CA LEU C 48 -41.15 -22.90 -19.02
C LEU C 48 -41.43 -21.87 -17.91
N ILE C 49 -41.40 -20.60 -18.26
CA ILE C 49 -41.69 -19.57 -17.27
C ILE C 49 -43.11 -19.12 -17.49
N SER C 50 -43.90 -19.32 -16.46
CA SER C 50 -45.33 -19.00 -16.41
C SER C 50 -45.89 -17.76 -17.12
N SER C 51 -45.47 -16.57 -16.71
CA SER C 51 -45.96 -15.33 -17.30
C SER C 51 -46.47 -15.42 -18.75
N GLN C 52 -47.60 -14.77 -19.02
CA GLN C 52 -48.22 -14.76 -20.35
C GLN C 52 -47.74 -13.60 -21.22
N ALA C 53 -47.51 -12.46 -20.58
CA ALA C 53 -47.08 -11.25 -21.25
C ALA C 53 -46.11 -11.50 -22.39
N SER C 54 -46.11 -10.60 -23.35
CA SER C 54 -45.20 -10.71 -24.48
C SER C 54 -43.85 -10.16 -24.04
N SER C 55 -43.77 -9.82 -22.76
CA SER C 55 -42.55 -9.29 -22.16
C SER C 55 -42.18 -9.95 -20.84
N TYR C 56 -40.92 -10.36 -20.75
CA TYR C 56 -40.41 -11.00 -19.54
C TYR C 56 -39.52 -9.98 -18.83
N PHE C 57 -39.73 -9.81 -17.54
CA PHE C 57 -38.96 -8.83 -16.80
C PHE C 57 -38.09 -9.38 -15.67
N ILE C 58 -36.82 -8.97 -15.69
CA ILE C 58 -35.86 -9.36 -14.68
C ILE C 58 -35.53 -8.03 -13.99
N ASP C 59 -36.14 -7.84 -12.83
CA ASP C 59 -35.97 -6.63 -12.02
C ASP C 59 -34.53 -6.53 -11.56
N ALA C 60 -34.11 -7.51 -10.77
CA ALA C 60 -32.76 -7.57 -10.28
C ALA C 60 -32.28 -8.95 -10.69
N ALA C 61 -31.38 -8.99 -11.67
CA ALA C 61 -30.85 -10.25 -12.17
C ALA C 61 -29.88 -10.92 -11.19
N THR C 62 -29.88 -12.24 -11.20
CA THR C 62 -28.95 -12.99 -10.37
C THR C 62 -28.25 -13.83 -11.45
N VAL C 63 -27.23 -14.59 -11.10
CA VAL C 63 -26.56 -15.37 -12.14
C VAL C 63 -27.40 -16.53 -12.65
N ASN C 64 -28.53 -16.78 -11.98
CA ASN C 64 -29.44 -17.86 -12.36
C ASN C 64 -30.32 -17.49 -13.55
N ASP C 65 -30.40 -16.21 -13.84
CA ASP C 65 -31.18 -15.72 -14.96
C ASP C 65 -30.38 -15.94 -16.23
N SER C 66 -29.10 -16.20 -16.05
CA SER C 66 -28.22 -16.43 -17.19
C SER C 66 -28.84 -17.53 -18.05
N GLY C 67 -28.42 -17.62 -19.31
CA GLY C 67 -28.96 -18.68 -20.16
C GLY C 67 -29.58 -18.31 -21.48
N GLU C 68 -30.19 -19.32 -22.10
CA GLU C 68 -30.84 -19.13 -23.38
C GLU C 68 -32.32 -18.89 -23.14
N TYR C 69 -32.86 -17.92 -23.88
CA TYR C 69 -34.28 -17.58 -23.75
C TYR C 69 -35.00 -17.70 -25.08
N ARG C 70 -36.19 -18.29 -25.04
CA ARG C 70 -37.03 -18.43 -26.22
C ARG C 70 -38.44 -18.00 -25.82
N CYS C 71 -39.17 -17.42 -26.78
CA CYS C 71 -40.54 -16.99 -26.54
C CYS C 71 -41.31 -17.38 -27.77
N GLN C 72 -42.62 -17.53 -27.62
CA GLN C 72 -43.45 -17.94 -28.75
C GLN C 72 -44.91 -17.57 -28.51
N THR C 73 -45.73 -17.79 -29.53
CA THR C 73 -47.17 -17.53 -29.45
C THR C 73 -47.89 -18.74 -30.07
N ASN C 74 -48.98 -18.51 -30.78
CA ASN C 74 -49.70 -19.60 -31.43
C ASN C 74 -49.67 -19.38 -32.93
N LEU C 75 -49.23 -18.19 -33.33
CA LEU C 75 -49.12 -17.82 -34.73
C LEU C 75 -47.66 -17.62 -35.14
N SER C 76 -46.77 -17.82 -34.17
CA SER C 76 -45.33 -17.69 -34.38
C SER C 76 -44.67 -19.00 -33.98
N THR C 77 -43.72 -19.48 -34.78
CA THR C 77 -43.04 -20.71 -34.44
C THR C 77 -41.96 -20.34 -33.42
N LEU C 78 -41.68 -21.25 -32.50
CA LEU C 78 -40.69 -21.02 -31.45
C LEU C 78 -39.44 -20.30 -31.91
N SER C 79 -39.09 -19.28 -31.15
CA SER C 79 -37.92 -18.45 -31.43
C SER C 79 -36.61 -19.13 -31.08
N ASP C 80 -35.58 -18.79 -31.82
CA ASP C 80 -34.28 -19.36 -31.51
C ASP C 80 -33.96 -18.74 -30.16
N PRO C 81 -33.01 -19.33 -29.43
CA PRO C 81 -32.62 -18.84 -28.11
C PRO C 81 -31.86 -17.49 -28.11
N VAL C 82 -31.77 -16.91 -26.93
CA VAL C 82 -31.08 -15.63 -26.73
C VAL C 82 -30.23 -15.83 -25.48
N GLN C 83 -28.91 -15.83 -25.64
CA GLN C 83 -28.01 -16.04 -24.50
C GLN C 83 -27.95 -14.82 -23.61
N LEU C 84 -28.23 -15.01 -22.32
CA LEU C 84 -28.18 -13.94 -21.35
C LEU C 84 -27.15 -14.32 -20.28
N GLU C 85 -26.01 -13.61 -20.26
CA GLU C 85 -24.92 -13.85 -19.31
C GLU C 85 -25.02 -12.95 -18.08
N VAL C 86 -25.09 -13.53 -16.90
CA VAL C 86 -25.16 -12.71 -15.70
C VAL C 86 -23.88 -12.90 -14.94
N HIS C 87 -23.13 -11.81 -14.81
CA HIS C 87 -21.84 -11.79 -14.13
C HIS C 87 -21.88 -11.17 -12.74
N ILE C 88 -20.83 -11.41 -11.95
CA ILE C 88 -20.75 -10.88 -10.61
C ILE C 88 -19.54 -9.98 -10.48
N GLY C 89 -19.69 -8.85 -9.78
CA GLY C 89 -18.55 -7.97 -9.61
C GLY C 89 -18.87 -6.50 -9.75
N TRP C 90 -17.85 -5.68 -9.49
CA TRP C 90 -17.96 -4.23 -9.57
C TRP C 90 -18.12 -3.70 -11.00
N LEU C 91 -17.24 -4.13 -11.89
CA LEU C 91 -17.31 -3.67 -13.25
C LEU C 91 -17.63 -4.78 -14.24
N LEU C 92 -17.96 -4.36 -15.47
CA LEU C 92 -18.30 -5.26 -16.56
C LEU C 92 -18.20 -4.50 -17.88
N LEU C 93 -17.39 -5.02 -18.80
CA LEU C 93 -17.24 -4.38 -20.10
C LEU C 93 -18.40 -4.85 -20.99
N GLN C 94 -19.04 -3.89 -21.66
CA GLN C 94 -20.16 -4.20 -22.51
C GLN C 94 -19.98 -3.77 -23.95
N ALA C 95 -20.74 -4.41 -24.83
CA ALA C 95 -20.70 -4.17 -26.25
C ALA C 95 -21.78 -5.04 -26.90
N PRO C 96 -22.26 -4.65 -28.09
CA PRO C 96 -23.29 -5.43 -28.80
C PRO C 96 -22.69 -6.71 -29.34
N ARG C 97 -21.40 -6.66 -29.65
CA ARG C 97 -20.69 -7.80 -30.18
C ARG C 97 -19.23 -7.42 -30.30
N TRP C 98 -18.35 -8.39 -30.08
CA TRP C 98 -16.91 -8.17 -30.14
C TRP C 98 -16.36 -8.78 -31.42
N VAL C 99 -17.27 -9.00 -32.38
CA VAL C 99 -16.91 -9.57 -33.67
C VAL C 99 -16.89 -8.41 -34.64
N PHE C 100 -15.70 -7.83 -34.84
CA PHE C 100 -15.59 -6.70 -35.74
C PHE C 100 -14.87 -7.04 -37.03
N LYS C 101 -15.59 -6.94 -38.13
CA LYS C 101 -15.02 -7.21 -39.44
C LYS C 101 -14.28 -5.93 -39.89
N GLU C 102 -13.16 -6.14 -40.58
CA GLU C 102 -12.28 -5.10 -41.10
C GLU C 102 -12.60 -3.60 -40.93
N GLU C 103 -13.82 -3.18 -41.24
CA GLU C 103 -14.20 -1.77 -41.05
C GLU C 103 -15.51 -1.87 -40.29
N ASP C 104 -15.68 -1.05 -39.25
CA ASP C 104 -16.88 -1.14 -38.42
C ASP C 104 -16.66 -0.42 -37.06
N PRO C 105 -17.60 0.46 -36.64
CA PRO C 105 -17.48 1.19 -35.37
C PRO C 105 -17.60 0.37 -34.05
N ILE C 106 -16.78 0.71 -33.05
CA ILE C 106 -16.76 0.03 -31.75
C ILE C 106 -17.43 0.86 -30.64
N HIS C 107 -18.19 0.20 -29.78
CA HIS C 107 -18.91 0.85 -28.68
C HIS C 107 -18.76 0.10 -27.33
N LEU C 108 -17.84 0.54 -26.48
CA LEU C 108 -17.63 -0.11 -25.20
C LEU C 108 -18.09 0.71 -24.01
N ARG C 109 -19.06 0.20 -23.27
CA ARG C 109 -19.53 0.88 -22.08
C ARG C 109 -18.88 0.12 -20.91
N CYS C 110 -18.45 0.82 -19.86
CA CYS C 110 -17.84 0.12 -18.74
C CYS C 110 -18.85 0.07 -17.59
N HIS C 111 -19.88 -0.75 -17.73
CA HIS C 111 -20.92 -0.85 -16.71
C HIS C 111 -20.42 -1.27 -15.32
N SER C 112 -20.90 -0.56 -14.30
CA SER C 112 -20.53 -0.83 -12.92
C SER C 112 -21.76 -1.19 -12.11
N TRP C 113 -21.55 -2.04 -11.10
CA TRP C 113 -22.60 -2.51 -10.20
C TRP C 113 -23.54 -1.44 -9.63
N LYS C 114 -24.83 -1.61 -9.92
CA LYS C 114 -25.85 -0.67 -9.48
C LYS C 114 -25.54 0.73 -10.00
N ASN C 115 -24.97 0.79 -11.20
CA ASN C 115 -24.59 2.06 -11.81
C ASN C 115 -23.84 2.93 -10.81
N THR C 116 -23.18 2.28 -9.85
CA THR C 116 -22.40 2.99 -8.83
C THR C 116 -21.46 3.97 -9.51
N ALA C 117 -21.18 5.07 -8.83
CA ALA C 117 -20.31 6.10 -9.39
C ALA C 117 -18.87 5.68 -9.61
N LEU C 118 -18.50 5.55 -10.87
CA LEU C 118 -17.14 5.15 -11.22
C LEU C 118 -16.36 6.38 -11.70
N HIS C 119 -15.15 6.54 -11.20
CA HIS C 119 -14.34 7.70 -11.57
C HIS C 119 -12.95 7.33 -12.05
N LYS C 120 -12.25 8.30 -12.63
CA LYS C 120 -10.91 8.11 -13.16
C LYS C 120 -10.85 6.78 -13.91
N VAL C 121 -11.87 6.58 -14.72
CA VAL C 121 -12.02 5.38 -15.52
C VAL C 121 -11.02 5.32 -16.65
N THR C 122 -10.64 4.11 -17.02
CA THR C 122 -9.69 3.91 -18.09
C THR C 122 -9.97 2.59 -18.79
N TYR C 123 -10.12 2.64 -20.10
CA TYR C 123 -10.35 1.42 -20.87
C TYR C 123 -8.97 0.95 -21.26
N LEU C 124 -8.69 -0.33 -21.09
CA LEU C 124 -7.38 -0.84 -21.44
C LEU C 124 -7.45 -1.82 -22.58
N GLN C 125 -6.37 -1.88 -23.34
CA GLN C 125 -6.28 -2.80 -24.44
C GLN C 125 -4.89 -3.38 -24.38
N ASN C 126 -4.79 -4.56 -23.78
CA ASN C 126 -3.50 -5.24 -23.66
C ASN C 126 -2.59 -4.52 -22.65
N GLY C 127 -3.06 -4.42 -21.41
CA GLY C 127 -2.29 -3.77 -20.37
C GLY C 127 -1.97 -2.32 -20.67
N LYS C 128 -2.58 -1.80 -21.73
CA LYS C 128 -2.37 -0.42 -22.16
C LYS C 128 -3.70 0.32 -22.17
N ASP C 129 -3.82 1.29 -21.28
CA ASP C 129 -5.05 2.08 -21.17
C ASP C 129 -5.28 2.89 -22.45
N ARG C 130 -6.15 2.38 -23.34
CA ARG C 130 -6.45 3.08 -24.60
C ARG C 130 -6.91 4.51 -24.32
N LYS C 131 -7.76 4.68 -23.29
CA LYS C 131 -8.25 6.01 -22.94
C LYS C 131 -8.61 6.22 -21.47
N TYR C 132 -8.58 7.48 -21.06
CA TYR C 132 -8.87 7.90 -19.68
C TYR C 132 -10.01 8.93 -19.68
N PHE C 133 -10.85 8.89 -18.65
CA PHE C 133 -11.96 9.82 -18.53
C PHE C 133 -12.08 10.16 -17.06
N HIS C 134 -12.24 11.44 -16.74
CA HIS C 134 -12.36 11.81 -15.33
C HIS C 134 -13.54 11.11 -14.66
N HIS C 135 -14.67 11.06 -15.35
CA HIS C 135 -15.83 10.39 -14.81
C HIS C 135 -16.18 9.31 -15.82
N ASN C 136 -17.01 8.36 -15.40
CA ASN C 136 -17.38 7.27 -16.28
C ASN C 136 -18.24 7.73 -17.44
N SER C 137 -17.94 7.19 -18.62
CA SER C 137 -18.66 7.48 -19.86
C SER C 137 -18.47 6.23 -20.73
N ASP C 138 -18.39 6.41 -22.05
CA ASP C 138 -18.19 5.28 -22.95
C ASP C 138 -16.98 5.48 -23.87
N PHE C 139 -16.52 4.40 -24.49
CA PHE C 139 -15.37 4.40 -25.38
C PHE C 139 -15.81 4.15 -26.83
N HIS C 140 -15.47 5.06 -27.76
CA HIS C 140 -15.85 4.96 -29.18
C HIS C 140 -14.69 4.72 -30.16
N ILE C 141 -15.00 4.13 -31.32
CA ILE C 141 -14.02 3.85 -32.37
C ILE C 141 -14.75 3.60 -33.71
N PRO C 142 -14.22 4.11 -34.84
CA PRO C 142 -14.83 3.93 -36.18
C PRO C 142 -14.50 2.60 -36.87
N LYS C 143 -13.74 2.65 -37.96
CA LYS C 143 -13.36 1.44 -38.69
C LYS C 143 -12.37 0.62 -37.86
N ALA C 144 -12.12 -0.63 -38.26
CA ALA C 144 -11.19 -1.46 -37.50
C ALA C 144 -9.75 -0.98 -37.67
N THR C 145 -8.81 -1.85 -37.33
CA THR C 145 -7.40 -1.53 -37.42
C THR C 145 -6.61 -2.82 -37.61
N LEU C 146 -7.32 -3.87 -38.00
CA LEU C 146 -6.70 -5.17 -38.23
C LEU C 146 -5.78 -5.56 -37.06
N LYS C 147 -5.92 -4.87 -35.93
CA LYS C 147 -5.10 -5.15 -34.75
C LYS C 147 -5.90 -4.98 -33.46
N ASP C 148 -7.18 -4.65 -33.62
CA ASP C 148 -8.09 -4.46 -32.49
C ASP C 148 -8.22 -5.75 -31.70
N SER C 149 -7.65 -6.83 -32.24
CA SER C 149 -7.68 -8.15 -31.62
C SER C 149 -6.93 -8.13 -30.30
N GLY C 150 -7.31 -7.21 -29.43
CA GLY C 150 -6.67 -7.10 -28.13
C GLY C 150 -7.66 -7.37 -27.01
N SER C 151 -7.15 -7.88 -25.90
CA SER C 151 -7.98 -8.18 -24.74
C SER C 151 -8.26 -6.88 -23.99
N TYR C 152 -9.53 -6.46 -23.98
CA TYR C 152 -9.92 -5.24 -23.31
C TYR C 152 -10.51 -5.47 -21.91
N PHE C 153 -10.72 -4.37 -21.20
CA PHE C 153 -11.32 -4.36 -19.86
C PHE C 153 -11.13 -2.97 -19.25
N CYS C 154 -11.90 -2.65 -18.22
CA CYS C 154 -11.79 -1.34 -17.59
C CYS C 154 -11.56 -1.36 -16.08
N ARG C 155 -11.21 -0.19 -15.55
CA ARG C 155 -10.94 -0.02 -14.14
C ARG C 155 -11.33 1.41 -13.73
N GLY C 156 -11.50 1.64 -12.44
CA GLY C 156 -11.86 2.97 -11.97
C GLY C 156 -11.97 2.95 -10.47
N LEU C 157 -12.48 4.04 -9.91
CA LEU C 157 -12.64 4.13 -8.47
C LEU C 157 -14.07 4.15 -8.00
N VAL C 158 -14.53 3.05 -7.44
CA VAL C 158 -15.87 3.02 -6.89
C VAL C 158 -15.60 3.60 -5.52
N GLY C 159 -15.91 4.87 -5.35
CA GLY C 159 -15.62 5.50 -4.08
C GLY C 159 -14.11 5.46 -3.94
N SER C 160 -13.63 5.10 -2.76
CA SER C 160 -12.19 5.05 -2.52
C SER C 160 -11.49 3.85 -3.15
N LYS C 161 -12.17 2.71 -3.20
CA LYS C 161 -11.56 1.49 -3.74
C LYS C 161 -11.47 1.40 -5.24
N ASN C 162 -10.44 0.71 -5.72
CA ASN C 162 -10.23 0.55 -7.14
C ASN C 162 -10.82 -0.79 -7.59
N VAL C 163 -11.66 -0.74 -8.60
CA VAL C 163 -12.30 -1.93 -9.11
C VAL C 163 -11.84 -2.20 -10.53
N SER C 164 -11.86 -3.48 -10.90
CA SER C 164 -11.43 -3.89 -12.23
C SER C 164 -12.53 -4.69 -12.86
N SER C 165 -12.47 -4.85 -14.18
CA SER C 165 -13.50 -5.62 -14.86
C SER C 165 -12.87 -6.83 -15.53
N GLU C 166 -13.68 -7.85 -15.77
CA GLU C 166 -13.18 -9.05 -16.42
C GLU C 166 -12.75 -8.58 -17.81
N THR C 167 -11.65 -9.12 -18.29
CA THR C 167 -11.17 -8.71 -19.58
C THR C 167 -11.77 -9.53 -20.71
N VAL C 168 -12.37 -8.82 -21.67
CA VAL C 168 -13.00 -9.41 -22.85
C VAL C 168 -12.03 -9.38 -24.03
N ASN C 169 -12.42 -10.02 -25.13
CA ASN C 169 -11.60 -10.11 -26.34
C ASN C 169 -12.25 -9.59 -27.61
N ILE C 170 -12.09 -8.31 -27.90
CA ILE C 170 -12.66 -7.73 -29.11
C ILE C 170 -11.76 -8.24 -30.22
N THR C 171 -12.35 -9.02 -31.13
CA THR C 171 -11.56 -9.60 -32.21
C THR C 171 -11.75 -8.84 -33.53
#